data_5E14
#
_entry.id   5E14
#
_cell.length_a   55.090
_cell.length_b   81.849
_cell.length_c   58.463
_cell.angle_alpha   90.000
_cell.angle_beta   110.980
_cell.angle_gamma   90.000
#
_symmetry.space_group_name_H-M   'P 1 21 1'
#
loop_
_entity.id
_entity.type
_entity.pdbx_description
1 polymer 'Estrogen receptor'
2 polymer 'Nuclear receptor coactivator 2'
3 non-polymer "4,4'-{[(3R)-3-phenylcyclohexylidene]methanediyl}diphenol"
4 water water
#
loop_
_entity_poly.entity_id
_entity_poly.type
_entity_poly.pdbx_seq_one_letter_code
_entity_poly.pdbx_strand_id
1 'polypeptide(L)'
;IKRSKKNSLALSLTADQMVSALLDAEPPILYSEYDPTRPFSEASMMGLLTNLADRELVHMINWAKRVPGFVDLTLHDQVH
LLECAWLEILMIGLVWRSMEHPGKLLFAPNLLLDRNQGKCVEGMVEIFDMLLATSSRFRMMNLQGEEFVCLKSIILLNSG
VYTFLSSTLKSLEEKDHIHRVLDKITDTLIHLMAKAGLTLQQQHQRLAQLLLILSHIRHMSNKGMEHLYSMKCKNVVPLS
DLLLEMLDAHRLHAPTS
;
A,B
2 'polypeptide(L)' KHKILHRLLQDSSS C,D
#
# COMPACT_ATOMS: atom_id res chain seq x y z
N SER A 8 11.63 3.65 -26.47
CA SER A 8 10.80 2.74 -25.70
C SER A 8 9.38 2.63 -26.26
N LEU A 9 9.08 3.53 -27.20
CA LEU A 9 7.80 3.52 -27.94
C LEU A 9 6.57 3.74 -27.06
N ALA A 10 6.59 3.22 -25.84
CA ALA A 10 5.49 3.39 -24.90
C ALA A 10 5.30 4.86 -24.55
N LEU A 11 6.41 5.59 -24.44
CA LEU A 11 6.37 7.02 -24.16
C LEU A 11 5.83 7.78 -25.36
N SER A 12 6.02 7.22 -26.54
CA SER A 12 5.61 7.86 -27.79
C SER A 12 4.12 7.67 -28.05
N LEU A 13 3.52 6.71 -27.34
CA LEU A 13 2.11 6.40 -27.50
C LEU A 13 1.24 7.58 -27.09
N THR A 14 0.08 7.71 -27.72
CA THR A 14 -0.90 8.69 -27.29
C THR A 14 -1.74 8.07 -26.18
N ALA A 15 -2.59 8.87 -25.56
CA ALA A 15 -3.43 8.39 -24.47
C ALA A 15 -4.39 7.29 -24.94
N ASP A 16 -5.01 7.52 -26.09
CA ASP A 16 -5.92 6.54 -26.68
C ASP A 16 -5.18 5.27 -27.09
N GLN A 17 -3.99 5.44 -27.65
CA GLN A 17 -3.15 4.31 -28.04
C GLN A 17 -2.80 3.44 -26.83
N MET A 18 -2.55 4.08 -25.70
CA MET A 18 -2.25 3.38 -24.46
C MET A 18 -3.46 2.58 -23.97
N VAL A 19 -4.62 3.24 -23.98
CA VAL A 19 -5.86 2.62 -23.55
C VAL A 19 -6.20 1.36 -24.35
N SER A 20 -6.17 1.47 -25.67
CA SER A 20 -6.54 0.36 -26.53
C SER A 20 -5.56 -0.80 -26.37
N ALA A 21 -4.27 -0.47 -26.26
CA ALA A 21 -3.24 -1.49 -26.09
C ALA A 21 -3.43 -2.26 -24.78
N LEU A 22 -3.91 -1.57 -23.75
CA LEU A 22 -4.14 -2.20 -22.45
C LEU A 22 -5.40 -3.07 -22.45
N LEU A 23 -6.47 -2.55 -23.06
CA LEU A 23 -7.70 -3.31 -23.22
C LEU A 23 -7.47 -4.58 -24.03
N ASP A 24 -6.69 -4.45 -25.10
CA ASP A 24 -6.43 -5.57 -26.01
C ASP A 24 -5.61 -6.67 -25.33
N ALA A 25 -4.79 -6.26 -24.37
CA ALA A 25 -3.90 -7.20 -23.69
C ALA A 25 -4.59 -7.91 -22.52
N GLU A 26 -5.83 -7.53 -22.25
CA GLU A 26 -6.57 -8.09 -21.11
C GLU A 26 -6.66 -9.61 -21.17
N PRO A 27 -6.25 -10.27 -20.08
CA PRO A 27 -6.34 -11.73 -19.98
C PRO A 27 -7.80 -12.17 -19.90
N PRO A 28 -8.10 -13.40 -20.33
CA PRO A 28 -9.47 -13.88 -20.27
C PRO A 28 -9.89 -14.29 -18.86
N ILE A 29 -11.19 -14.26 -18.59
CA ILE A 29 -11.71 -14.78 -17.34
C ILE A 29 -11.75 -16.30 -17.40
N LEU A 30 -10.90 -16.94 -16.60
CA LEU A 30 -10.79 -18.40 -16.63
C LEU A 30 -11.88 -19.04 -15.79
N TYR A 31 -12.18 -20.32 -16.07
CA TYR A 31 -13.15 -21.06 -15.29
C TYR A 31 -12.44 -21.93 -14.26
N SER A 32 -13.15 -22.25 -13.18
CA SER A 32 -12.63 -23.17 -12.18
C SER A 32 -12.93 -24.60 -12.61
N GLU A 33 -12.17 -25.55 -12.05
CA GLU A 33 -12.45 -26.96 -12.27
C GLU A 33 -13.88 -27.26 -11.84
N TYR A 34 -14.70 -27.74 -12.77
CA TYR A 34 -16.12 -27.98 -12.47
C TYR A 34 -16.30 -29.16 -11.52
N ASP A 35 -17.53 -29.67 -11.46
CA ASP A 35 -18.06 -30.53 -10.38
C ASP A 35 -18.62 -29.59 -9.32
N PRO A 36 -19.95 -29.59 -9.15
CA PRO A 36 -20.60 -28.56 -8.34
C PRO A 36 -20.68 -28.90 -6.86
N THR A 37 -19.71 -29.66 -6.37
CA THR A 37 -19.65 -30.00 -4.96
C THR A 37 -19.33 -28.76 -4.12
N PHE A 40 -16.98 -28.28 0.26
CA PHE A 40 -15.96 -27.28 0.56
C PHE A 40 -15.29 -27.52 1.91
N SER A 41 -14.09 -28.10 1.87
CA SER A 41 -13.24 -28.20 3.05
C SER A 41 -12.02 -27.32 2.85
N GLU A 42 -11.06 -27.39 3.76
CA GLU A 42 -9.84 -26.61 3.63
C GLU A 42 -9.03 -27.08 2.43
N ALA A 43 -8.96 -28.39 2.24
CA ALA A 43 -8.20 -28.98 1.13
C ALA A 43 -8.86 -28.70 -0.21
N SER A 44 -10.19 -28.81 -0.24
CA SER A 44 -10.95 -28.60 -1.46
C SER A 44 -10.93 -27.15 -1.92
N MET A 45 -11.11 -26.23 -0.98
CA MET A 45 -11.13 -24.80 -1.29
C MET A 45 -9.79 -24.34 -1.84
N MET A 46 -8.71 -24.68 -1.15
CA MET A 46 -7.38 -24.29 -1.58
C MET A 46 -7.02 -24.97 -2.89
N GLY A 47 -7.48 -26.21 -3.06
CA GLY A 47 -7.26 -26.93 -4.30
C GLY A 47 -7.75 -26.14 -5.49
N LEU A 48 -9.02 -25.74 -5.46
CA LEU A 48 -9.62 -24.98 -6.54
C LEU A 48 -8.94 -23.63 -6.72
N LEU A 49 -8.61 -22.98 -5.61
CA LEU A 49 -8.02 -21.64 -5.67
C LEU A 49 -6.60 -21.67 -6.23
N THR A 50 -5.80 -22.63 -5.77
CA THR A 50 -4.41 -22.71 -6.19
C THR A 50 -4.30 -23.17 -7.64
N ASN A 51 -5.25 -24.00 -8.07
CA ASN A 51 -5.32 -24.43 -9.45
C ASN A 51 -5.61 -23.24 -10.36
N LEU A 52 -6.63 -22.48 -10.01
CA LEU A 52 -7.02 -21.29 -10.76
C LEU A 52 -5.90 -20.25 -10.81
N ALA A 53 -5.27 -20.02 -9.67
CA ALA A 53 -4.19 -19.03 -9.57
C ALA A 53 -3.01 -19.39 -10.47
N ASP A 54 -2.64 -20.66 -10.48
CA ASP A 54 -1.52 -21.13 -11.29
C ASP A 54 -1.77 -20.94 -12.78
N ARG A 55 -3.01 -21.17 -13.21
CA ARG A 55 -3.38 -20.95 -14.61
C ARG A 55 -3.44 -19.47 -14.94
N GLU A 56 -3.90 -18.66 -14.00
CA GLU A 56 -3.97 -17.21 -14.18
C GLU A 56 -2.57 -16.60 -14.31
N LEU A 57 -1.61 -17.17 -13.57
CA LEU A 57 -0.23 -16.69 -13.59
C LEU A 57 0.38 -16.79 -14.98
N VAL A 58 0.04 -17.89 -15.67
CA VAL A 58 0.54 -18.11 -17.02
C VAL A 58 0.03 -17.01 -17.94
N HIS A 59 -1.24 -16.64 -17.79
CA HIS A 59 -1.82 -15.57 -18.59
C HIS A 59 -1.29 -14.20 -18.16
N MET A 60 -1.03 -14.04 -16.87
CA MET A 60 -0.54 -12.76 -16.35
C MET A 60 0.82 -12.41 -16.94
N ILE A 61 1.72 -13.40 -16.94
CA ILE A 61 3.08 -13.23 -17.45
C ILE A 61 3.08 -12.78 -18.91
N ASN A 62 2.21 -13.37 -19.72
CA ASN A 62 2.09 -12.99 -21.11
C ASN A 62 1.37 -11.66 -21.28
N TRP A 63 0.49 -11.34 -20.32
CA TRP A 63 -0.16 -10.03 -20.28
C TRP A 63 0.87 -8.94 -20.00
N ALA A 64 1.77 -9.20 -19.07
CA ALA A 64 2.77 -8.22 -18.66
C ALA A 64 3.67 -7.84 -19.83
N LYS A 65 3.98 -8.82 -20.68
CA LYS A 65 4.82 -8.60 -21.85
C LYS A 65 4.16 -7.65 -22.84
N ARG A 66 2.86 -7.45 -22.70
CA ARG A 66 2.11 -6.58 -23.60
C ARG A 66 1.86 -5.21 -22.98
N VAL A 67 2.18 -5.06 -21.70
CA VAL A 67 2.10 -3.75 -21.05
C VAL A 67 3.19 -2.85 -21.61
N PRO A 68 2.80 -1.73 -22.25
CA PRO A 68 3.73 -0.83 -22.94
C PRO A 68 4.88 -0.38 -22.02
N GLY A 69 6.10 -0.73 -22.40
CA GLY A 69 7.28 -0.35 -21.64
C GLY A 69 7.88 -1.48 -20.83
N PHE A 70 7.10 -2.55 -20.64
CA PHE A 70 7.55 -3.67 -19.82
C PHE A 70 8.64 -4.49 -20.52
N VAL A 71 8.58 -4.54 -21.84
CA VAL A 71 9.54 -5.30 -22.64
C VAL A 71 10.93 -4.66 -22.61
N ASP A 72 10.96 -3.34 -22.45
CA ASP A 72 12.21 -2.58 -22.49
C ASP A 72 13.09 -2.85 -21.28
N LEU A 73 12.47 -3.38 -20.23
CA LEU A 73 13.21 -3.74 -19.02
C LEU A 73 14.01 -5.01 -19.25
N THR A 74 15.12 -5.15 -18.53
CA THR A 74 15.90 -6.37 -18.58
C THR A 74 15.06 -7.54 -18.09
N LEU A 75 15.48 -8.77 -18.42
CA LEU A 75 14.75 -9.95 -17.99
C LEU A 75 14.69 -10.01 -16.47
N HIS A 76 15.79 -9.61 -15.82
CA HIS A 76 15.86 -9.59 -14.37
C HIS A 76 14.82 -8.66 -13.76
N ASP A 77 14.68 -7.47 -14.33
CA ASP A 77 13.74 -6.48 -13.80
C ASP A 77 12.30 -6.88 -14.04
N GLN A 78 12.05 -7.54 -15.17
CA GLN A 78 10.72 -8.08 -15.45
C GLN A 78 10.33 -9.09 -14.38
N VAL A 79 11.24 -10.02 -14.09
CA VAL A 79 11.06 -11.03 -13.06
C VAL A 79 10.74 -10.40 -11.70
N HIS A 80 11.53 -9.40 -11.33
CA HIS A 80 11.38 -8.74 -10.03
C HIS A 80 10.00 -8.12 -9.85
N LEU A 81 9.57 -7.35 -10.84
CA LEU A 81 8.27 -6.68 -10.77
C LEU A 81 7.13 -7.68 -10.69
N LEU A 82 7.21 -8.75 -11.48
CA LEU A 82 6.17 -9.77 -11.47
C LEU A 82 6.17 -10.56 -10.17
N GLU A 83 7.36 -10.86 -9.65
CA GLU A 83 7.49 -11.53 -8.37
C GLU A 83 6.90 -10.69 -7.23
N CYS A 84 7.03 -9.37 -7.36
CA CYS A 84 6.55 -8.46 -6.32
C CYS A 84 5.03 -8.26 -6.35
N ALA A 85 4.46 -8.21 -7.55
CA ALA A 85 3.12 -7.71 -7.72
C ALA A 85 2.07 -8.76 -8.08
N TRP A 86 2.47 -10.03 -8.20
CA TRP A 86 1.59 -11.04 -8.80
C TRP A 86 0.29 -11.23 -8.01
N LEU A 87 0.39 -11.24 -6.68
CA LEU A 87 -0.81 -11.41 -5.86
C LEU A 87 -1.67 -10.15 -5.87
N GLU A 88 -1.03 -8.98 -5.96
CA GLU A 88 -1.78 -7.73 -6.09
C GLU A 88 -2.60 -7.72 -7.37
N ILE A 89 -1.99 -8.18 -8.45
CA ILE A 89 -2.64 -8.20 -9.76
C ILE A 89 -3.77 -9.22 -9.81
N LEU A 90 -3.59 -10.37 -9.16
CA LEU A 90 -4.66 -11.36 -9.08
C LEU A 90 -5.85 -10.79 -8.32
N MET A 91 -5.55 -10.07 -7.23
CA MET A 91 -6.58 -9.55 -6.35
C MET A 91 -7.40 -8.42 -6.97
N ILE A 92 -6.72 -7.46 -7.60
CA ILE A 92 -7.44 -6.37 -8.26
C ILE A 92 -8.26 -6.93 -9.45
N GLY A 93 -7.81 -8.06 -10.00
CA GLY A 93 -8.57 -8.73 -11.03
C GLY A 93 -9.82 -9.36 -10.43
N LEU A 94 -9.63 -10.04 -9.31
CA LEU A 94 -10.73 -10.68 -8.58
C LEU A 94 -11.75 -9.64 -8.12
N VAL A 95 -11.25 -8.51 -7.63
CA VAL A 95 -12.10 -7.42 -7.17
C VAL A 95 -12.88 -6.82 -8.33
N TRP A 96 -12.20 -6.65 -9.46
CA TRP A 96 -12.82 -6.09 -10.67
C TRP A 96 -14.02 -6.90 -11.16
N ARG A 97 -13.85 -8.20 -11.34
CA ARG A 97 -14.91 -9.02 -11.90
C ARG A 97 -15.96 -9.37 -10.85
N SER A 98 -15.71 -9.01 -9.60
CA SER A 98 -16.69 -9.23 -8.53
C SER A 98 -17.58 -8.01 -8.32
N MET A 99 -17.35 -6.95 -9.10
CA MET A 99 -18.07 -5.69 -8.93
C MET A 99 -19.58 -5.81 -9.06
N GLU A 100 -20.04 -6.50 -10.10
CA GLU A 100 -21.47 -6.62 -10.36
C GLU A 100 -22.10 -7.73 -9.54
N HIS A 101 -21.36 -8.23 -8.56
CA HIS A 101 -21.87 -9.24 -7.63
C HIS A 101 -21.63 -8.83 -6.19
N PRO A 102 -22.44 -7.88 -5.68
CA PRO A 102 -22.25 -7.34 -4.32
C PRO A 102 -22.34 -8.41 -3.24
N GLY A 103 -21.37 -8.42 -2.33
CA GLY A 103 -21.37 -9.37 -1.24
C GLY A 103 -20.79 -10.72 -1.61
N LYS A 104 -20.24 -10.81 -2.83
CA LYS A 104 -19.68 -12.07 -3.32
C LYS A 104 -18.39 -11.85 -4.12
N LEU A 105 -17.50 -12.84 -4.07
CA LEU A 105 -16.28 -12.79 -4.86
C LEU A 105 -16.37 -13.75 -6.04
N LEU A 106 -16.22 -13.21 -7.25
CA LEU A 106 -16.30 -14.03 -8.47
C LEU A 106 -14.92 -14.52 -8.89
N PHE A 107 -14.45 -15.60 -8.26
CA PHE A 107 -13.17 -16.19 -8.60
C PHE A 107 -13.20 -16.68 -10.04
N ALA A 108 -14.33 -17.28 -10.41
CA ALA A 108 -14.58 -17.75 -11.76
C ALA A 108 -16.09 -17.68 -11.98
N PRO A 109 -16.53 -17.62 -13.25
CA PRO A 109 -17.98 -17.59 -13.52
C PRO A 109 -18.72 -18.77 -12.88
N ASN A 110 -18.03 -19.89 -12.67
CA ASN A 110 -18.64 -21.05 -12.04
C ASN A 110 -18.12 -21.23 -10.61
N LEU A 111 -17.64 -20.15 -10.02
CA LEU A 111 -17.10 -20.18 -8.66
C LEU A 111 -17.29 -18.82 -7.97
N LEU A 112 -18.50 -18.59 -7.50
CA LEU A 112 -18.88 -17.32 -6.88
C LEU A 112 -19.14 -17.54 -5.38
N LEU A 113 -18.32 -16.92 -4.54
CA LEU A 113 -18.34 -17.23 -3.11
C LEU A 113 -18.68 -16.03 -2.23
N ASP A 114 -19.40 -16.29 -1.14
CA ASP A 114 -19.63 -15.28 -0.11
C ASP A 114 -18.66 -15.53 1.06
N ARG A 115 -18.76 -14.70 2.10
CA ARG A 115 -17.76 -14.74 3.17
C ARG A 115 -17.90 -15.97 4.07
N ASN A 116 -19.11 -16.52 4.17
CA ASN A 116 -19.35 -17.68 5.02
C ASN A 116 -18.54 -18.89 4.57
N GLN A 117 -18.58 -19.17 3.28
CA GLN A 117 -17.66 -20.14 2.71
C GLN A 117 -16.30 -19.49 2.63
N GLY A 118 -15.29 -20.14 3.21
CA GLY A 118 -13.96 -19.55 3.27
C GLY A 118 -13.43 -19.43 4.68
N LYS A 119 -14.29 -19.74 5.66
CA LYS A 119 -13.82 -19.92 7.03
C LYS A 119 -13.41 -21.39 7.17
N CYS A 120 -13.59 -22.14 6.09
CA CYS A 120 -12.97 -23.44 5.91
C CYS A 120 -11.47 -23.30 6.07
N VAL A 121 -10.96 -22.13 5.68
CA VAL A 121 -9.55 -21.89 5.56
C VAL A 121 -9.06 -20.86 6.59
N GLU A 122 -7.95 -21.18 7.25
CA GLU A 122 -7.40 -20.32 8.28
C GLU A 122 -6.87 -19.01 7.70
N GLY A 123 -7.42 -17.89 8.18
CA GLY A 123 -6.95 -16.58 7.76
C GLY A 123 -7.59 -16.06 6.50
N MET A 124 -8.44 -16.87 5.88
CA MET A 124 -9.04 -16.52 4.59
C MET A 124 -10.20 -15.54 4.73
N VAL A 125 -10.94 -15.63 5.84
CA VAL A 125 -12.13 -14.80 6.06
C VAL A 125 -11.79 -13.31 6.09
N GLU A 126 -10.72 -12.98 6.80
CA GLU A 126 -10.28 -11.58 6.93
C GLU A 126 -9.91 -10.99 5.58
N ILE A 127 -9.10 -11.72 4.81
CA ILE A 127 -8.71 -11.27 3.48
C ILE A 127 -9.94 -11.16 2.59
N PHE A 128 -10.85 -12.11 2.75
CA PHE A 128 -12.12 -12.13 2.03
C PHE A 128 -12.89 -10.83 2.22
N ASP A 129 -13.06 -10.42 3.48
CA ASP A 129 -13.81 -9.21 3.81
C ASP A 129 -13.18 -7.96 3.20
N MET A 130 -11.85 -7.94 3.14
CA MET A 130 -11.14 -6.78 2.59
C MET A 130 -11.33 -6.71 1.08
N LEU A 131 -11.42 -7.87 0.45
CA LEU A 131 -11.65 -7.94 -0.98
C LEU A 131 -13.05 -7.45 -1.33
N LEU A 132 -14.04 -7.87 -0.53
CA LEU A 132 -15.42 -7.43 -0.70
C LEU A 132 -15.55 -5.93 -0.48
N ALA A 133 -14.78 -5.40 0.47
CA ALA A 133 -14.77 -3.97 0.74
C ALA A 133 -14.17 -3.20 -0.44
N THR A 134 -13.11 -3.76 -1.03
CA THR A 134 -12.50 -3.17 -2.20
C THR A 134 -13.48 -3.15 -3.38
N SER A 135 -14.18 -4.26 -3.58
CA SER A 135 -15.12 -4.38 -4.69
C SER A 135 -16.28 -3.41 -4.53
N SER A 136 -16.76 -3.26 -3.29
CA SER A 136 -17.83 -2.33 -2.99
C SER A 136 -17.39 -0.89 -3.23
N ARG A 137 -16.12 -0.62 -2.97
CA ARG A 137 -15.55 0.71 -3.20
C ARG A 137 -15.49 1.03 -4.69
N PHE A 138 -15.07 0.04 -5.48
CA PHE A 138 -15.01 0.19 -6.94
C PHE A 138 -16.38 0.49 -7.52
N ARG A 139 -17.39 -0.26 -7.07
CA ARG A 139 -18.73 -0.15 -7.62
C ARG A 139 -19.36 1.20 -7.27
N MET A 140 -19.09 1.69 -6.07
CA MET A 140 -19.63 2.98 -5.63
C MET A 140 -18.92 4.14 -6.32
N MET A 141 -17.71 3.90 -6.81
CA MET A 141 -16.98 4.88 -7.59
C MET A 141 -17.32 4.78 -9.07
N ASN A 142 -18.04 3.73 -9.43
CA ASN A 142 -18.37 3.44 -10.83
C ASN A 142 -17.11 3.35 -11.69
N LEU A 143 -16.18 2.49 -11.27
CA LEU A 143 -14.93 2.27 -11.99
C LEU A 143 -15.16 1.73 -13.40
N GLN A 144 -14.50 2.34 -14.38
CA GLN A 144 -14.61 1.91 -15.77
C GLN A 144 -13.49 0.96 -16.14
N GLY A 145 -13.69 0.21 -17.22
CA GLY A 145 -12.70 -0.75 -17.68
C GLY A 145 -11.38 -0.10 -18.05
N GLU A 146 -11.46 1.05 -18.70
CA GLU A 146 -10.27 1.78 -19.13
C GLU A 146 -9.45 2.28 -17.92
N GLU A 147 -10.14 2.52 -16.82
CA GLU A 147 -9.48 2.93 -15.58
C GLU A 147 -8.82 1.74 -14.91
N PHE A 148 -9.52 0.61 -14.92
CA PHE A 148 -9.04 -0.62 -14.29
C PHE A 148 -7.74 -1.15 -14.91
N VAL A 149 -7.64 -1.09 -16.23
CA VAL A 149 -6.45 -1.60 -16.91
C VAL A 149 -5.25 -0.69 -16.63
N CYS A 150 -5.52 0.59 -16.41
CA CYS A 150 -4.46 1.53 -16.06
C CYS A 150 -3.92 1.23 -14.66
N LEU A 151 -4.84 1.03 -13.71
CA LEU A 151 -4.48 0.73 -12.32
C LEU A 151 -3.67 -0.55 -12.21
N LYS A 152 -4.10 -1.60 -12.90
CA LYS A 152 -3.43 -2.89 -12.87
C LYS A 152 -2.03 -2.82 -13.46
N SER A 153 -1.87 -1.99 -14.49
CA SER A 153 -0.57 -1.79 -15.11
C SER A 153 0.33 -0.98 -14.17
N ILE A 154 -0.27 -0.03 -13.46
CA ILE A 154 0.46 0.76 -12.48
C ILE A 154 1.02 -0.14 -11.36
N ILE A 155 0.20 -1.06 -10.87
CA ILE A 155 0.64 -2.03 -9.87
C ILE A 155 1.87 -2.79 -10.33
N LEU A 156 1.84 -3.24 -11.58
CA LEU A 156 2.94 -4.00 -12.17
C LEU A 156 4.26 -3.25 -12.12
N LEU A 157 4.23 -1.97 -12.50
CA LEU A 157 5.44 -1.18 -12.63
C LEU A 157 5.87 -0.55 -11.31
N ASN A 158 4.90 -0.25 -10.46
CA ASN A 158 5.18 0.50 -9.25
C ASN A 158 5.60 -0.38 -8.07
N SER A 159 4.88 -1.48 -7.86
CA SER A 159 5.04 -2.26 -6.62
C SER A 159 6.45 -2.74 -6.31
N GLY A 160 7.28 -2.93 -7.34
CA GLY A 160 8.64 -3.38 -7.11
C GLY A 160 9.70 -2.41 -7.55
N VAL A 161 9.30 -1.16 -7.80
CA VAL A 161 10.20 -0.20 -8.44
C VAL A 161 11.27 0.39 -7.49
N TYR A 162 10.98 0.49 -6.20
CA TYR A 162 12.01 1.01 -5.28
C TYR A 162 12.70 -0.11 -4.53
N THR A 163 12.45 -1.35 -4.92
CA THR A 163 13.24 -2.47 -4.42
C THR A 163 14.40 -2.66 -5.41
N PHE A 164 14.43 -1.82 -6.43
CA PHE A 164 15.53 -1.77 -7.39
C PHE A 164 16.74 -1.07 -6.79
N LYS A 175 14.82 2.22 -13.23
CA LYS A 175 13.75 2.83 -12.45
C LYS A 175 13.31 4.16 -13.05
N ASP A 176 14.27 4.88 -13.63
CA ASP A 176 13.99 6.17 -14.24
C ASP A 176 13.05 6.03 -15.43
N HIS A 177 13.25 4.97 -16.21
CA HIS A 177 12.39 4.66 -17.34
C HIS A 177 10.99 4.28 -16.87
N ILE A 178 10.92 3.47 -15.82
CA ILE A 178 9.65 3.00 -15.27
C ILE A 178 8.82 4.18 -14.78
N HIS A 179 9.48 5.15 -14.17
CA HIS A 179 8.79 6.34 -13.65
C HIS A 179 8.24 7.21 -14.77
N ARG A 180 8.95 7.23 -15.91
CA ARG A 180 8.44 7.91 -17.09
C ARG A 180 7.14 7.26 -17.55
N VAL A 181 7.11 5.93 -17.53
CA VAL A 181 5.93 5.19 -17.95
C VAL A 181 4.79 5.41 -16.97
N LEU A 182 5.12 5.43 -15.67
CA LEU A 182 4.13 5.69 -14.63
C LEU A 182 3.46 7.03 -14.84
N ASP A 183 4.27 8.04 -15.16
CA ASP A 183 3.74 9.36 -15.48
C ASP A 183 2.84 9.29 -16.71
N LYS A 184 3.21 8.46 -17.67
CA LYS A 184 2.43 8.29 -18.89
C LYS A 184 1.04 7.74 -18.59
N ILE A 185 0.98 6.72 -17.74
CA ILE A 185 -0.29 6.12 -17.35
C ILE A 185 -1.12 7.12 -16.55
N THR A 186 -0.47 7.92 -15.71
CA THR A 186 -1.15 8.99 -15.00
C THR A 186 -1.80 9.96 -16.00
N ASP A 187 -1.05 10.33 -17.03
CA ASP A 187 -1.58 11.18 -18.09
C ASP A 187 -2.78 10.50 -18.74
N THR A 188 -2.71 9.17 -18.88
CA THR A 188 -3.78 8.42 -19.50
C THR A 188 -5.03 8.41 -18.64
N LEU A 189 -4.84 8.20 -17.33
CA LEU A 189 -5.94 8.22 -16.38
C LEU A 189 -6.68 9.55 -16.38
N ILE A 190 -5.92 10.64 -16.29
CA ILE A 190 -6.48 11.98 -16.36
C ILE A 190 -7.21 12.21 -17.68
N HIS A 191 -6.59 11.74 -18.77
CA HIS A 191 -7.20 11.84 -20.10
C HIS A 191 -8.56 11.16 -20.15
N LEU A 192 -8.67 10.01 -19.49
CA LEU A 192 -9.92 9.26 -19.44
C LEU A 192 -11.00 10.01 -18.67
N MET A 193 -10.60 10.63 -17.56
CA MET A 193 -11.53 11.35 -16.69
C MET A 193 -12.03 12.64 -17.34
N ALA A 194 -11.16 13.32 -18.07
CA ALA A 194 -11.54 14.53 -18.78
C ALA A 194 -12.54 14.20 -19.88
N LYS A 195 -12.42 13.02 -20.46
CA LYS A 195 -13.32 12.57 -21.51
C LYS A 195 -14.68 12.18 -20.94
N ALA A 196 -14.69 11.78 -19.67
CA ALA A 196 -15.93 11.39 -19.01
C ALA A 196 -16.77 12.61 -18.63
N GLY A 197 -16.15 13.79 -18.68
CA GLY A 197 -16.85 15.04 -18.41
C GLY A 197 -16.57 15.59 -17.02
N LEU A 198 -15.57 15.05 -16.35
CA LEU A 198 -15.23 15.49 -15.01
C LEU A 198 -14.56 16.86 -15.03
N THR A 199 -14.83 17.67 -14.01
CA THR A 199 -14.19 18.98 -13.88
C THR A 199 -12.76 18.80 -13.39
N LEU A 200 -12.00 19.88 -13.38
CA LEU A 200 -10.59 19.83 -12.97
C LEU A 200 -10.46 19.33 -11.54
N GLN A 201 -11.31 19.82 -10.65
CA GLN A 201 -11.27 19.40 -9.25
C GLN A 201 -11.69 17.93 -9.12
N GLN A 202 -12.72 17.55 -9.84
CA GLN A 202 -13.22 16.17 -9.81
C GLN A 202 -12.19 15.19 -10.38
N GLN A 203 -11.35 15.69 -11.29
CA GLN A 203 -10.33 14.86 -11.92
C GLN A 203 -9.26 14.42 -10.92
N HIS A 204 -8.64 15.36 -10.24
CA HIS A 204 -7.55 15.01 -9.33
C HIS A 204 -8.09 14.37 -8.06
N GLN A 205 -9.33 14.67 -7.71
CA GLN A 205 -9.97 14.01 -6.58
C GLN A 205 -10.15 12.52 -6.88
N ARG A 206 -10.67 12.20 -8.07
CA ARG A 206 -10.86 10.81 -8.46
C ARG A 206 -9.54 10.09 -8.66
N LEU A 207 -8.57 10.79 -9.25
CA LEU A 207 -7.22 10.24 -9.43
C LEU A 207 -6.64 9.78 -8.10
N ALA A 208 -6.73 10.64 -7.10
CA ALA A 208 -6.25 10.33 -5.75
C ALA A 208 -7.00 9.16 -5.14
N GLN A 209 -8.33 9.22 -5.18
CA GLN A 209 -9.18 8.17 -4.64
C GLN A 209 -8.81 6.79 -5.19
N LEU A 210 -8.55 6.73 -6.49
CA LEU A 210 -8.17 5.47 -7.13
C LEU A 210 -6.81 4.97 -6.64
N LEU A 211 -5.83 5.87 -6.62
CA LEU A 211 -4.48 5.49 -6.23
C LEU A 211 -4.38 5.07 -4.77
N LEU A 212 -5.24 5.61 -3.91
CA LEU A 212 -5.23 5.21 -2.51
C LEU A 212 -5.69 3.76 -2.34
N ILE A 213 -6.54 3.29 -3.25
CA ILE A 213 -6.99 1.89 -3.25
C ILE A 213 -5.81 0.95 -3.44
N LEU A 214 -4.80 1.40 -4.19
CA LEU A 214 -3.59 0.62 -4.40
C LEU A 214 -2.88 0.31 -3.09
N SER A 215 -2.92 1.24 -2.15
CA SER A 215 -2.33 1.03 -0.84
C SER A 215 -3.02 -0.12 -0.11
N HIS A 216 -4.34 -0.20 -0.24
N HIS A 216 -4.34 -0.20 -0.24
CA HIS A 216 -5.11 -1.27 0.38
CA HIS A 216 -5.10 -1.28 0.36
C HIS A 216 -4.90 -2.60 -0.34
C HIS A 216 -4.87 -2.60 -0.35
N ILE A 217 -4.77 -2.55 -1.67
CA ILE A 217 -4.51 -3.75 -2.46
C ILE A 217 -3.15 -4.34 -2.06
N ARG A 218 -2.16 -3.48 -1.89
CA ARG A 218 -0.86 -3.88 -1.34
C ARG A 218 -1.01 -4.55 0.03
N HIS A 219 -1.86 -3.97 0.87
CA HIS A 219 -2.07 -4.49 2.21
C HIS A 219 -2.68 -5.88 2.18
N MET A 220 -3.68 -6.07 1.33
CA MET A 220 -4.33 -7.37 1.19
C MET A 220 -3.35 -8.42 0.70
N SER A 221 -2.53 -8.05 -0.27
CA SER A 221 -1.51 -8.94 -0.81
C SER A 221 -0.51 -9.35 0.26
N ASN A 222 0.00 -8.37 1.00
CA ASN A 222 0.94 -8.63 2.09
C ASN A 222 0.37 -9.56 3.15
N LYS A 223 -0.85 -9.28 3.59
CA LYS A 223 -1.49 -10.11 4.61
C LYS A 223 -1.85 -11.48 4.05
N GLY A 224 -2.23 -11.52 2.78
CA GLY A 224 -2.49 -12.77 2.09
C GLY A 224 -1.25 -13.63 1.97
N MET A 225 -0.15 -13.03 1.51
CA MET A 225 1.13 -13.72 1.37
C MET A 225 1.59 -14.38 2.67
N GLU A 226 1.44 -13.64 3.78
CA GLU A 226 1.86 -14.13 5.09
C GLU A 226 1.21 -15.47 5.41
N HIS A 227 -0.03 -15.64 4.97
CA HIS A 227 -0.74 -16.90 5.14
C HIS A 227 -0.41 -17.87 4.02
N LEU A 228 -0.16 -17.36 2.81
CA LEU A 228 -0.01 -18.22 1.64
C LEU A 228 1.34 -18.91 1.56
N TYR A 229 2.41 -18.27 2.03
CA TYR A 229 3.58 -19.08 2.33
C TYR A 229 3.33 -19.67 3.72
N SER A 230 4.36 -19.77 4.56
CA SER A 230 4.25 -20.50 5.83
C SER A 230 3.98 -21.98 5.56
N MET A 231 4.73 -22.84 6.23
CA MET A 231 4.69 -24.27 5.95
C MET A 231 3.30 -24.90 6.10
N LYS A 232 2.54 -24.41 7.08
CA LYS A 232 1.21 -24.97 7.36
C LYS A 232 0.28 -24.87 6.16
N CYS A 233 0.33 -23.75 5.45
CA CYS A 233 -0.52 -23.54 4.29
C CYS A 233 0.08 -24.19 3.04
N LYS A 234 1.40 -24.31 3.03
CA LYS A 234 2.10 -24.99 1.93
C LYS A 234 1.73 -26.47 1.88
N ASN A 235 1.45 -27.04 3.05
CA ASN A 235 1.27 -28.49 3.17
C ASN A 235 -0.16 -28.97 2.95
N VAL A 236 -1.12 -28.04 2.90
CA VAL A 236 -2.53 -28.42 2.80
C VAL A 236 -2.86 -29.03 1.43
N VAL A 237 -2.12 -28.62 0.41
CA VAL A 237 -2.32 -29.16 -0.94
C VAL A 237 -1.04 -28.95 -1.75
N PRO A 238 -0.62 -29.96 -2.53
CA PRO A 238 0.57 -29.78 -3.38
C PRO A 238 0.42 -28.63 -4.37
N LEU A 239 1.37 -27.70 -4.34
CA LEU A 239 1.34 -26.53 -5.21
C LEU A 239 2.22 -26.74 -6.43
N SER A 240 1.94 -26.00 -7.50
CA SER A 240 2.75 -26.08 -8.69
C SER A 240 4.12 -25.48 -8.41
N ASP A 241 5.12 -25.90 -9.19
CA ASP A 241 6.47 -25.37 -9.02
C ASP A 241 6.49 -23.87 -9.26
N LEU A 242 5.75 -23.42 -10.27
CA LEU A 242 5.65 -21.99 -10.59
C LEU A 242 5.05 -21.19 -9.45
N LEU A 243 3.89 -21.61 -8.95
CA LEU A 243 3.23 -20.90 -7.87
C LEU A 243 4.11 -20.89 -6.63
N LEU A 244 4.82 -21.99 -6.42
CA LEU A 244 5.70 -22.12 -5.26
C LEU A 244 6.90 -21.18 -5.36
N GLU A 245 7.39 -20.97 -6.58
CA GLU A 245 8.52 -20.08 -6.79
C GLU A 245 8.11 -18.62 -6.65
N MET A 246 6.86 -18.32 -6.98
CA MET A 246 6.35 -16.96 -6.81
C MET A 246 6.15 -16.65 -5.33
N LEU A 247 5.78 -17.68 -4.57
CA LEU A 247 5.61 -17.54 -3.12
C LEU A 247 6.95 -17.34 -2.42
N ASP A 248 7.92 -18.18 -2.77
CA ASP A 248 9.25 -18.13 -2.17
C ASP A 248 9.95 -16.79 -2.39
N ALA A 249 9.57 -16.09 -3.46
CA ALA A 249 10.16 -14.80 -3.77
C ALA A 249 9.88 -13.77 -2.68
N HIS A 250 8.79 -13.98 -1.95
CA HIS A 250 8.43 -13.09 -0.85
C HIS A 250 8.94 -13.63 0.49
N ARG A 251 9.63 -14.77 0.44
CA ARG A 251 10.24 -15.35 1.63
C ARG A 251 11.75 -15.46 1.49
N SER B 8 -18.54 20.50 10.13
CA SER B 8 -17.51 19.85 10.93
C SER B 8 -16.23 20.66 10.95
N LEU B 9 -16.30 21.88 10.42
CA LEU B 9 -15.16 22.81 10.36
C LEU B 9 -14.03 22.32 9.45
N ALA B 10 -13.69 21.03 9.54
CA ALA B 10 -12.65 20.44 8.71
C ALA B 10 -13.02 20.53 7.23
N LEU B 11 -14.32 20.55 6.95
CA LEU B 11 -14.81 20.65 5.59
C LEU B 11 -14.88 22.11 5.13
N SER B 12 -14.87 23.01 6.10
CA SER B 12 -14.94 24.44 5.81
C SER B 12 -13.54 25.03 5.67
N LEU B 13 -12.53 24.24 6.01
CA LEU B 13 -11.14 24.67 5.91
C LEU B 13 -10.74 24.95 4.47
N THR B 14 -10.03 26.05 4.27
CA THR B 14 -9.41 26.31 2.97
C THR B 14 -8.10 25.54 2.90
N ALA B 15 -7.50 25.53 1.72
CA ALA B 15 -6.25 24.80 1.52
C ALA B 15 -5.14 25.35 2.41
N ASP B 16 -5.03 26.67 2.46
CA ASP B 16 -4.03 27.33 3.30
C ASP B 16 -4.27 27.05 4.78
N GLN B 17 -5.55 27.06 5.18
CA GLN B 17 -5.91 26.77 6.56
C GLN B 17 -5.63 25.31 6.90
N MET B 18 -5.80 24.44 5.91
CA MET B 18 -5.50 23.02 6.07
C MET B 18 -4.01 22.82 6.31
N VAL B 19 -3.18 23.49 5.50
CA VAL B 19 -1.73 23.39 5.61
C VAL B 19 -1.21 23.85 6.98
N SER B 20 -1.59 25.05 7.38
CA SER B 20 -1.10 25.61 8.65
C SER B 20 -1.53 24.78 9.85
N ALA B 21 -2.74 24.22 9.78
CA ALA B 21 -3.23 23.37 10.86
C ALA B 21 -2.41 22.10 10.99
N LEU B 22 -2.01 21.53 9.84
CA LEU B 22 -1.20 20.32 9.85
C LEU B 22 0.23 20.61 10.30
N LEU B 23 0.77 21.75 9.88
CA LEU B 23 2.11 22.18 10.28
C LEU B 23 2.19 22.44 11.78
N ASP B 24 1.23 23.20 12.29
CA ASP B 24 1.19 23.57 13.69
C ASP B 24 0.99 22.35 14.60
N ALA B 25 0.46 21.27 14.04
CA ALA B 25 0.16 20.08 14.83
C ALA B 25 1.31 19.09 14.84
N GLU B 26 2.38 19.41 14.11
CA GLU B 26 3.52 18.50 13.98
C GLU B 26 4.11 18.11 15.32
N PRO B 27 4.31 16.80 15.52
CA PRO B 27 4.99 16.30 16.73
C PRO B 27 6.44 16.74 16.75
N PRO B 28 7.08 16.69 17.93
CA PRO B 28 8.49 17.06 18.02
C PRO B 28 9.43 15.91 17.67
N ILE B 29 10.66 16.23 17.29
CA ILE B 29 11.66 15.21 17.04
C ILE B 29 12.30 14.79 18.36
N LEU B 30 12.17 13.51 18.70
CA LEU B 30 12.65 13.02 19.99
C LEU B 30 14.08 12.49 19.90
N TYR B 31 14.81 12.58 21.00
CA TYR B 31 16.17 12.05 21.07
C TYR B 31 16.16 10.60 21.53
N SER B 32 17.18 9.85 21.11
CA SER B 32 17.35 8.47 21.53
C SER B 32 18.18 8.42 22.81
N GLU B 33 18.15 7.27 23.49
CA GLU B 33 18.98 7.06 24.66
C GLU B 33 20.29 6.38 24.25
N TYR B 34 20.91 6.91 23.20
CA TYR B 34 22.07 6.27 22.59
C TYR B 34 23.40 6.84 23.08
N ASP B 35 24.19 5.97 23.69
CA ASP B 35 25.56 6.30 24.08
C ASP B 35 26.52 5.64 23.11
N PRO B 36 27.26 6.46 22.33
CA PRO B 36 28.12 5.95 21.25
C PRO B 36 29.37 5.25 21.77
N THR B 37 29.63 5.32 23.07
CA THR B 37 30.84 4.75 23.65
C THR B 37 30.66 3.27 23.96
N ARG B 38 29.43 2.78 23.83
CA ARG B 38 29.17 1.37 24.04
C ARG B 38 28.52 0.72 22.80
N PRO B 39 29.32 -0.01 22.01
CA PRO B 39 28.87 -0.72 20.79
C PRO B 39 27.68 -1.66 20.97
N PHE B 40 27.36 -2.36 19.89
CA PHE B 40 26.02 -2.91 19.69
C PHE B 40 25.79 -4.37 20.06
N SER B 41 24.60 -4.61 20.60
CA SER B 41 24.01 -5.94 20.63
C SER B 41 22.63 -5.80 19.98
N GLU B 42 22.19 -6.86 19.32
CA GLU B 42 20.86 -6.93 18.72
C GLU B 42 19.79 -6.39 19.68
N ALA B 43 19.89 -6.82 20.93
CA ALA B 43 18.99 -6.39 21.98
C ALA B 43 19.07 -4.89 22.23
N SER B 44 20.29 -4.36 22.33
CA SER B 44 20.50 -2.94 22.60
C SER B 44 19.94 -2.08 21.48
N MET B 45 20.22 -2.49 20.24
CA MET B 45 19.70 -1.80 19.06
C MET B 45 18.19 -1.75 19.07
N MET B 46 17.56 -2.91 19.27
CA MET B 46 16.12 -2.98 19.37
C MET B 46 15.65 -2.23 20.60
N GLY B 47 16.44 -2.29 21.67
CA GLY B 47 16.17 -1.54 22.87
C GLY B 47 15.98 -0.06 22.57
N LEU B 48 16.96 0.52 21.88
CA LEU B 48 16.91 1.94 21.50
C LEU B 48 15.73 2.24 20.57
N LEU B 49 15.52 1.39 19.58
CA LEU B 49 14.47 1.62 18.58
C LEU B 49 13.08 1.47 19.19
N THR B 50 12.90 0.42 20.00
CA THR B 50 11.62 0.22 20.66
C THR B 50 11.37 1.32 21.69
N ASN B 51 12.41 1.71 22.41
CA ASN B 51 12.30 2.80 23.38
C ASN B 51 12.04 4.12 22.70
N LEU B 52 12.51 4.28 21.46
CA LEU B 52 12.29 5.52 20.74
C LEU B 52 10.87 5.57 20.17
N ALA B 53 10.40 4.46 19.61
CA ALA B 53 9.09 4.38 18.99
C ALA B 53 7.95 4.58 19.99
N ASP B 54 8.08 3.99 21.17
CA ASP B 54 7.04 4.05 22.20
C ASP B 54 6.71 5.47 22.67
N ARG B 55 7.73 6.33 22.75
CA ARG B 55 7.54 7.73 23.13
C ARG B 55 6.96 8.50 21.96
N GLU B 56 7.39 8.16 20.75
CA GLU B 56 6.83 8.76 19.54
C GLU B 56 5.35 8.44 19.41
N LEU B 57 4.96 7.24 19.84
CA LEU B 57 3.56 6.83 19.83
C LEU B 57 2.68 7.76 20.66
N VAL B 58 3.18 8.16 21.82
CA VAL B 58 2.45 9.05 22.72
C VAL B 58 2.19 10.40 22.04
N HIS B 59 3.18 10.90 21.31
CA HIS B 59 3.05 12.16 20.58
C HIS B 59 2.16 12.01 19.34
N MET B 60 2.29 10.87 18.66
CA MET B 60 1.51 10.60 17.47
C MET B 60 0.01 10.62 17.75
N ILE B 61 -0.36 10.05 18.89
CA ILE B 61 -1.75 9.99 19.33
C ILE B 61 -2.32 11.39 19.53
N ASN B 62 -1.53 12.27 20.14
CA ASN B 62 -1.95 13.65 20.32
C ASN B 62 -1.90 14.43 19.01
N TRP B 63 -0.98 14.06 18.14
CA TRP B 63 -0.94 14.62 16.79
C TRP B 63 -2.21 14.25 16.00
N ALA B 64 -2.63 13.00 16.13
CA ALA B 64 -3.80 12.51 15.41
C ALA B 64 -5.05 13.29 15.79
N LYS B 65 -5.11 13.74 17.04
CA LYS B 65 -6.25 14.51 17.53
C LYS B 65 -6.35 15.86 16.83
N ARG B 66 -5.21 16.40 16.41
CA ARG B 66 -5.18 17.73 15.82
C ARG B 66 -5.27 17.66 14.29
N VAL B 67 -5.39 16.46 13.76
CA VAL B 67 -5.61 16.26 12.33
C VAL B 67 -7.08 16.52 12.03
N PRO B 68 -7.36 17.41 11.06
CA PRO B 68 -8.73 17.82 10.73
C PRO B 68 -9.65 16.65 10.43
N GLY B 69 -10.84 16.66 11.04
CA GLY B 69 -11.84 15.66 10.79
C GLY B 69 -11.67 14.37 11.59
N PHE B 70 -10.54 14.25 12.28
CA PHE B 70 -10.24 13.01 13.01
C PHE B 70 -11.04 12.88 14.30
N VAL B 71 -11.33 14.02 14.95
CA VAL B 71 -12.07 14.01 16.20
C VAL B 71 -13.56 13.75 15.98
N ASP B 72 -14.01 13.98 14.75
CA ASP B 72 -15.41 13.77 14.40
C ASP B 72 -15.76 12.28 14.44
N LEU B 73 -14.75 11.43 14.26
CA LEU B 73 -14.96 10.00 14.29
C LEU B 73 -15.26 9.50 15.70
N THR B 74 -15.93 8.36 15.79
CA THR B 74 -16.10 7.68 17.06
C THR B 74 -14.72 7.26 17.55
N LEU B 75 -14.60 7.03 18.85
CA LEU B 75 -13.29 6.73 19.42
C LEU B 75 -12.86 5.31 19.08
N HIS B 76 -13.83 4.42 18.86
CA HIS B 76 -13.54 3.09 18.35
C HIS B 76 -12.90 3.16 16.97
N ASP B 77 -13.40 4.07 16.14
CA ASP B 77 -12.84 4.27 14.81
C ASP B 77 -11.47 4.92 14.88
N GLN B 78 -11.28 5.83 15.83
CA GLN B 78 -9.98 6.46 16.04
C GLN B 78 -8.94 5.43 16.45
N VAL B 79 -9.34 4.53 17.35
CA VAL B 79 -8.49 3.44 17.80
C VAL B 79 -8.04 2.57 16.64
N HIS B 80 -9.00 2.21 15.79
CA HIS B 80 -8.74 1.36 14.64
C HIS B 80 -7.76 1.99 13.65
N LEU B 81 -8.02 3.24 13.26
CA LEU B 81 -7.17 3.94 12.31
C LEU B 81 -5.72 4.03 12.77
N LEU B 82 -5.52 4.29 14.05
CA LEU B 82 -4.17 4.39 14.61
C LEU B 82 -3.52 3.02 14.75
N GLU B 83 -4.29 2.02 15.17
CA GLU B 83 -3.81 0.65 15.24
C GLU B 83 -3.35 0.17 13.87
N CYS B 84 -4.03 0.64 12.84
CA CYS B 84 -3.73 0.25 11.48
C CYS B 84 -2.48 0.96 10.94
N ALA B 85 -2.32 2.23 11.28
CA ALA B 85 -1.37 3.08 10.56
C ALA B 85 -0.13 3.50 11.36
N TRP B 86 0.00 3.08 12.62
CA TRP B 86 1.04 3.65 13.48
C TRP B 86 2.47 3.44 12.97
N LEU B 87 2.75 2.28 12.39
CA LEU B 87 4.09 2.00 11.90
C LEU B 87 4.34 2.70 10.56
N GLU B 88 3.27 2.88 9.78
CA GLU B 88 3.36 3.63 8.54
C GLU B 88 3.75 5.08 8.82
N ILE B 89 3.19 5.64 9.88
CA ILE B 89 3.42 7.03 10.24
C ILE B 89 4.80 7.22 10.86
N LEU B 90 5.20 6.25 11.68
CA LEU B 90 6.55 6.26 12.24
C LEU B 90 7.60 6.18 11.13
N MET B 91 7.30 5.41 10.10
CA MET B 91 8.24 5.18 9.00
C MET B 91 8.33 6.36 8.04
N ILE B 92 7.19 6.99 7.72
CA ILE B 92 7.23 8.12 6.81
C ILE B 92 7.88 9.31 7.51
N GLY B 93 7.74 9.38 8.83
CA GLY B 93 8.39 10.42 9.61
C GLY B 93 9.88 10.19 9.58
N LEU B 94 10.27 8.94 9.82
CA LEU B 94 11.68 8.55 9.76
C LEU B 94 12.30 8.86 8.40
N VAL B 95 11.59 8.48 7.34
CA VAL B 95 12.04 8.70 5.98
C VAL B 95 12.18 10.19 5.65
N TRP B 96 11.26 10.97 6.19
CA TRP B 96 11.23 12.40 5.93
C TRP B 96 12.42 13.14 6.56
N ARG B 97 12.76 12.82 7.81
CA ARG B 97 13.87 13.50 8.46
C ARG B 97 15.22 12.90 8.06
N SER B 98 15.19 11.87 7.24
CA SER B 98 16.41 11.23 6.75
C SER B 98 16.77 11.69 5.34
N MET B 99 15.94 12.56 4.77
CA MET B 99 16.11 13.02 3.39
C MET B 99 17.48 13.63 3.11
N GLU B 100 17.92 14.54 3.99
CA GLU B 100 19.19 15.22 3.78
C GLU B 100 20.37 14.41 4.31
N HIS B 101 20.14 13.12 4.57
CA HIS B 101 21.20 12.23 5.01
C HIS B 101 21.25 10.96 4.17
N PRO B 102 21.81 11.07 2.95
CA PRO B 102 21.88 9.93 2.01
C PRO B 102 22.61 8.72 2.57
N GLY B 103 22.01 7.54 2.42
CA GLY B 103 22.60 6.31 2.90
C GLY B 103 22.45 6.11 4.39
N LYS B 104 21.77 7.05 5.04
CA LYS B 104 21.62 7.02 6.49
C LYS B 104 20.17 7.23 6.89
N LEU B 105 19.77 6.57 7.99
CA LEU B 105 18.44 6.77 8.55
C LEU B 105 18.55 7.57 9.85
N LEU B 106 17.89 8.73 9.90
CA LEU B 106 17.94 9.58 11.08
C LEU B 106 16.80 9.25 12.03
N PHE B 107 17.00 8.21 12.84
CA PHE B 107 16.02 7.83 13.85
C PHE B 107 15.87 8.95 14.88
N ALA B 108 17.00 9.59 15.21
CA ALA B 108 17.02 10.70 16.14
C ALA B 108 18.20 11.59 15.79
N PRO B 109 18.23 12.83 16.30
CA PRO B 109 19.37 13.70 16.03
C PRO B 109 20.69 13.10 16.53
N ASN B 110 20.61 12.22 17.52
CA ASN B 110 21.79 11.57 18.07
C ASN B 110 21.91 10.10 17.67
N LEU B 111 21.01 9.66 16.80
CA LEU B 111 21.03 8.28 16.33
C LEU B 111 20.93 8.21 14.81
N LEU B 112 22.08 8.25 14.14
CA LEU B 112 22.14 8.18 12.70
C LEU B 112 22.82 6.88 12.28
N LEU B 113 22.08 6.01 11.59
CA LEU B 113 22.59 4.68 11.26
C LEU B 113 22.57 4.38 9.77
N ASP B 114 23.57 3.63 9.32
CA ASP B 114 23.61 3.13 7.95
C ASP B 114 23.16 1.67 7.94
N ARG B 115 23.09 1.08 6.74
CA ARG B 115 22.59 -0.29 6.63
C ARG B 115 23.57 -1.32 7.20
N ASN B 116 24.82 -0.90 7.39
CA ASN B 116 25.85 -1.79 7.92
C ASN B 116 25.50 -2.25 9.33
N GLN B 117 25.21 -1.30 10.21
CA GLN B 117 24.79 -1.62 11.57
C GLN B 117 23.31 -1.97 11.59
N GLY B 118 22.70 -1.96 10.40
CA GLY B 118 21.34 -2.44 10.25
C GLY B 118 21.32 -3.95 10.13
N LYS B 119 22.48 -4.57 10.26
CA LYS B 119 22.62 -6.01 10.13
C LYS B 119 22.71 -6.73 11.47
N CYS B 120 22.77 -5.97 12.56
CA CYS B 120 22.76 -6.54 13.90
C CYS B 120 21.48 -7.33 14.13
N VAL B 121 20.34 -6.69 13.83
CA VAL B 121 19.05 -7.34 13.91
C VAL B 121 18.76 -8.12 12.64
N GLU B 122 18.35 -9.38 12.80
CA GLU B 122 18.00 -10.22 11.67
C GLU B 122 16.68 -9.79 11.04
N GLY B 123 16.73 -9.49 9.74
CA GLY B 123 15.55 -9.08 9.01
C GLY B 123 15.38 -7.58 8.92
N MET B 124 16.34 -6.84 9.48
CA MET B 124 16.24 -5.38 9.52
C MET B 124 16.85 -4.73 8.29
N VAL B 125 17.89 -5.34 7.74
CA VAL B 125 18.59 -4.77 6.59
C VAL B 125 17.65 -4.67 5.38
N GLU B 126 16.72 -5.61 5.26
CA GLU B 126 15.75 -5.58 4.17
C GLU B 126 14.87 -4.35 4.31
N ILE B 127 14.39 -4.11 5.53
CA ILE B 127 13.52 -2.97 5.80
C ILE B 127 14.30 -1.67 5.70
N PHE B 128 15.55 -1.69 6.16
CA PHE B 128 16.43 -0.54 6.08
C PHE B 128 16.61 -0.07 4.65
N ASP B 129 16.92 -1.00 3.75
CA ASP B 129 17.12 -0.66 2.35
C ASP B 129 15.89 -0.01 1.72
N MET B 130 14.72 -0.52 2.07
CA MET B 130 13.47 0.02 1.53
C MET B 130 13.23 1.43 2.05
N LEU B 131 13.54 1.66 3.33
CA LEU B 131 13.42 2.98 3.91
C LEU B 131 14.39 3.95 3.27
N LEU B 132 15.60 3.49 2.98
CA LEU B 132 16.61 4.29 2.30
C LEU B 132 16.17 4.68 0.89
N ALA B 133 15.60 3.71 0.17
CA ALA B 133 15.11 3.94 -1.19
C ALA B 133 14.01 4.99 -1.20
N THR B 134 13.08 4.86 -0.26
CA THR B 134 11.99 5.82 -0.12
C THR B 134 12.51 7.22 0.16
N SER B 135 13.50 7.30 1.03
CA SER B 135 14.12 8.57 1.39
C SER B 135 14.81 9.20 0.19
N SER B 136 15.52 8.38 -0.57
CA SER B 136 16.19 8.84 -1.78
C SER B 136 15.18 9.27 -2.82
N ARG B 137 13.99 8.67 -2.78
CA ARG B 137 12.91 9.04 -3.68
C ARG B 137 12.37 10.42 -3.29
N PHE B 138 12.12 10.63 -2.01
CA PHE B 138 11.69 11.93 -1.50
C PHE B 138 12.73 13.02 -1.81
N ARG B 139 13.99 12.62 -1.83
CA ARG B 139 15.08 13.55 -2.11
C ARG B 139 15.05 14.01 -3.57
N MET B 140 14.82 13.07 -4.47
CA MET B 140 14.78 13.35 -5.90
C MET B 140 13.56 14.18 -6.28
N MET B 141 12.47 14.02 -5.52
CA MET B 141 11.23 14.73 -5.80
C MET B 141 11.20 16.13 -5.20
N ASN B 142 12.21 16.45 -4.39
CA ASN B 142 12.21 17.69 -3.62
C ASN B 142 10.93 17.84 -2.82
N LEU B 143 10.59 16.79 -2.08
CA LEU B 143 9.37 16.78 -1.27
C LEU B 143 9.38 17.91 -0.25
N GLN B 144 8.27 18.65 -0.18
CA GLN B 144 8.15 19.77 0.75
C GLN B 144 7.55 19.32 2.07
N GLY B 145 7.78 20.10 3.12
CA GLY B 145 7.21 19.82 4.43
C GLY B 145 5.70 19.85 4.40
N GLU B 146 5.15 20.84 3.70
CA GLU B 146 3.70 20.97 3.53
C GLU B 146 3.12 19.76 2.80
N GLU B 147 3.85 19.25 1.82
CA GLU B 147 3.42 18.05 1.11
C GLU B 147 3.49 16.83 2.01
N PHE B 148 4.51 16.80 2.85
CA PHE B 148 4.75 15.66 3.73
C PHE B 148 3.67 15.53 4.80
N VAL B 149 3.26 16.64 5.39
CA VAL B 149 2.25 16.60 6.44
C VAL B 149 0.88 16.24 5.87
N CYS B 150 0.67 16.57 4.59
CA CYS B 150 -0.53 16.15 3.88
C CYS B 150 -0.52 14.63 3.70
N LEU B 151 0.60 14.11 3.22
CA LEU B 151 0.76 12.67 3.00
C LEU B 151 0.59 11.87 4.28
N LYS B 152 1.28 12.30 5.32
CA LYS B 152 1.21 11.64 6.62
C LYS B 152 -0.20 11.69 7.18
N SER B 153 -0.88 12.82 7.00
CA SER B 153 -2.29 12.91 7.35
C SER B 153 -3.13 11.95 6.50
N ILE B 154 -2.78 11.80 5.21
CA ILE B 154 -3.54 10.91 4.33
C ILE B 154 -3.40 9.45 4.77
N ILE B 155 -2.23 9.08 5.25
CA ILE B 155 -2.00 7.72 5.74
C ILE B 155 -2.91 7.36 6.93
N LEU B 156 -3.10 8.32 7.84
CA LEU B 156 -3.85 8.08 9.07
C LEU B 156 -5.32 7.71 8.84
N LEU B 157 -6.00 8.46 7.99
CA LEU B 157 -7.42 8.27 7.72
C LEU B 157 -7.61 7.20 6.65
N ASN B 158 -6.68 7.06 5.70
CA ASN B 158 -6.89 6.11 4.60
C ASN B 158 -6.56 4.66 4.93
N SER B 159 -5.51 4.42 5.70
CA SER B 159 -4.98 3.07 5.87
C SER B 159 -6.00 2.07 6.42
N GLY B 160 -6.93 2.53 7.25
CA GLY B 160 -7.85 1.62 7.92
C GLY B 160 -9.33 1.79 7.63
N VAL B 161 -9.67 2.45 6.52
CA VAL B 161 -11.09 2.69 6.21
C VAL B 161 -11.84 1.42 5.84
N TYR B 162 -11.21 0.55 5.06
CA TYR B 162 -11.87 -0.66 4.58
C TYR B 162 -11.59 -1.86 5.48
N THR B 163 -11.31 -1.59 6.75
CA THR B 163 -11.12 -2.64 7.73
C THR B 163 -12.04 -2.39 8.93
N PHE B 164 -12.92 -1.39 8.79
CA PHE B 164 -13.91 -1.07 9.81
C PHE B 164 -14.87 -2.23 10.03
N LYS B 170 -24.25 -1.30 9.16
CA LYS B 170 -24.77 -0.83 10.43
C LYS B 170 -24.87 0.69 10.43
N SER B 171 -25.40 1.23 9.34
CA SER B 171 -25.36 2.65 8.97
C SER B 171 -24.37 3.49 9.77
N LEU B 172 -23.09 3.32 9.47
CA LEU B 172 -22.08 4.26 9.95
C LEU B 172 -22.04 5.43 8.98
N GLU B 173 -21.75 5.11 7.72
CA GLU B 173 -21.79 6.04 6.60
C GLU B 173 -21.07 7.37 6.83
N GLU B 174 -20.12 7.38 7.75
CA GLU B 174 -19.22 8.52 7.92
C GLU B 174 -17.82 8.06 7.56
N LYS B 175 -17.77 6.98 6.79
CA LYS B 175 -16.58 6.64 6.04
C LYS B 175 -16.58 7.59 4.85
N ASP B 176 -17.80 8.06 4.53
CA ASP B 176 -18.00 9.11 3.54
C ASP B 176 -17.38 10.42 4.03
N HIS B 177 -17.54 10.69 5.32
CA HIS B 177 -16.95 11.89 5.92
C HIS B 177 -15.43 11.83 5.83
N ILE B 178 -14.87 10.67 6.13
CA ILE B 178 -13.44 10.44 6.00
C ILE B 178 -12.98 10.67 4.56
N HIS B 179 -13.77 10.16 3.62
CA HIS B 179 -13.44 10.26 2.21
C HIS B 179 -13.43 11.71 1.72
N ARG B 180 -14.33 12.54 2.25
CA ARG B 180 -14.38 13.94 1.84
C ARG B 180 -13.25 14.75 2.47
N VAL B 181 -12.80 14.35 3.66
CA VAL B 181 -11.62 14.96 4.26
C VAL B 181 -10.41 14.59 3.42
N LEU B 182 -10.33 13.33 3.02
CA LEU B 182 -9.28 12.85 2.13
C LEU B 182 -9.25 13.65 0.83
N ASP B 183 -10.43 13.90 0.28
CA ASP B 183 -10.56 14.72 -0.92
C ASP B 183 -10.06 16.14 -0.67
N LYS B 184 -10.36 16.69 0.50
CA LYS B 184 -9.91 18.03 0.86
C LYS B 184 -8.39 18.12 0.93
N ILE B 185 -7.76 17.08 1.45
CA ILE B 185 -6.31 17.01 1.51
C ILE B 185 -5.72 16.90 0.11
N THR B 186 -6.43 16.18 -0.75
CA THR B 186 -6.08 16.10 -2.17
C THR B 186 -6.10 17.49 -2.78
N ASP B 187 -7.18 18.22 -2.54
CA ASP B 187 -7.30 19.62 -2.97
C ASP B 187 -6.14 20.44 -2.45
N THR B 188 -5.75 20.16 -1.21
CA THR B 188 -4.66 20.86 -0.56
C THR B 188 -3.34 20.61 -1.28
N LEU B 189 -3.04 19.34 -1.54
CA LEU B 189 -1.82 18.98 -2.27
C LEU B 189 -1.77 19.63 -3.64
N ILE B 190 -2.90 19.67 -4.33
CA ILE B 190 -2.98 20.31 -5.64
C ILE B 190 -2.73 21.81 -5.52
N HIS B 191 -3.35 22.42 -4.52
CA HIS B 191 -3.17 23.84 -4.24
C HIS B 191 -1.69 24.19 -4.06
N LEU B 192 -0.99 23.35 -3.29
CA LEU B 192 0.43 23.54 -3.05
C LEU B 192 1.25 23.47 -4.32
N MET B 193 0.93 22.51 -5.18
CA MET B 193 1.66 22.32 -6.43
C MET B 193 1.40 23.44 -7.42
N ALA B 194 0.18 23.96 -7.40
CA ALA B 194 -0.17 25.11 -8.23
C ALA B 194 0.63 26.34 -7.80
N LYS B 195 0.90 26.45 -6.52
CA LYS B 195 1.66 27.58 -5.98
C LYS B 195 3.13 27.47 -6.34
N ALA B 196 3.60 26.24 -6.54
CA ALA B 196 5.01 26.00 -6.87
C ALA B 196 5.30 26.24 -8.35
N GLY B 197 4.32 26.77 -9.08
CA GLY B 197 4.48 27.07 -10.48
C GLY B 197 4.49 25.83 -11.37
N LEU B 198 3.78 24.79 -10.94
CA LEU B 198 3.67 23.57 -11.73
C LEU B 198 2.45 23.62 -12.66
N THR B 199 2.63 23.14 -13.89
CA THR B 199 1.51 23.05 -14.82
C THR B 199 0.55 21.96 -14.38
N LEU B 200 -0.66 21.98 -14.93
CA LEU B 200 -1.69 20.98 -14.61
C LEU B 200 -1.19 19.56 -14.81
N GLN B 201 -0.46 19.35 -15.90
CA GLN B 201 0.11 18.04 -16.18
C GLN B 201 1.11 17.65 -15.09
N GLN B 202 1.96 18.60 -14.73
CA GLN B 202 2.95 18.38 -13.66
C GLN B 202 2.30 18.14 -12.31
N GLN B 203 1.20 18.86 -12.06
CA GLN B 203 0.48 18.72 -10.79
C GLN B 203 -0.09 17.32 -10.61
N HIS B 204 -0.80 16.84 -11.64
CA HIS B 204 -1.41 15.52 -11.60
C HIS B 204 -0.35 14.42 -11.52
N GLN B 205 0.75 14.61 -12.24
CA GLN B 205 1.84 13.64 -12.23
C GLN B 205 2.51 13.55 -10.85
N ARG B 206 2.83 14.71 -10.27
CA ARG B 206 3.46 14.74 -8.96
C ARG B 206 2.52 14.16 -7.90
N LEU B 207 1.24 14.52 -8.00
CA LEU B 207 0.22 13.98 -7.10
C LEU B 207 0.22 12.46 -7.14
N ALA B 208 0.26 11.90 -8.34
CA ALA B 208 0.29 10.47 -8.52
C ALA B 208 1.54 9.85 -7.91
N GLN B 209 2.69 10.44 -8.23
CA GLN B 209 3.97 9.96 -7.72
C GLN B 209 3.98 9.90 -6.20
N LEU B 210 3.42 10.92 -5.57
CA LEU B 210 3.37 10.98 -4.11
C LEU B 210 2.51 9.87 -3.52
N LEU B 211 1.35 9.62 -4.13
CA LEU B 211 0.42 8.65 -3.59
C LEU B 211 0.89 7.22 -3.83
N LEU B 212 1.66 7.00 -4.90
CA LEU B 212 2.21 5.68 -5.17
C LEU B 212 3.24 5.30 -4.11
N ILE B 213 3.91 6.31 -3.53
CA ILE B 213 4.86 6.09 -2.44
C ILE B 213 4.17 5.42 -1.25
N LEU B 214 2.93 5.83 -0.99
CA LEU B 214 2.14 5.29 0.11
C LEU B 214 1.99 3.77 0.02
N SER B 215 1.90 3.24 -1.19
CA SER B 215 1.80 1.80 -1.40
C SER B 215 3.01 1.05 -0.84
N HIS B 216 4.16 1.70 -0.95
CA HIS B 216 5.44 1.13 -0.52
C HIS B 216 5.68 1.35 0.97
N ILE B 217 5.13 2.44 1.50
CA ILE B 217 5.18 2.67 2.93
C ILE B 217 4.28 1.65 3.62
N ARG B 218 3.18 1.29 2.97
CA ARG B 218 2.31 0.22 3.47
C ARG B 218 3.07 -1.11 3.46
N HIS B 219 3.78 -1.35 2.37
CA HIS B 219 4.56 -2.58 2.21
C HIS B 219 5.64 -2.69 3.28
N MET B 220 6.41 -1.62 3.45
CA MET B 220 7.45 -1.58 4.48
C MET B 220 6.88 -1.84 5.88
N SER B 221 5.76 -1.21 6.17
CA SER B 221 5.08 -1.38 7.45
C SER B 221 4.72 -2.83 7.72
N ASN B 222 4.08 -3.46 6.74
CA ASN B 222 3.62 -4.84 6.87
C ASN B 222 4.78 -5.83 6.99
N LYS B 223 5.81 -5.64 6.16
CA LYS B 223 7.01 -6.44 6.24
C LYS B 223 7.71 -6.23 7.59
N GLY B 224 7.72 -4.99 8.06
CA GLY B 224 8.33 -4.66 9.33
C GLY B 224 7.53 -5.26 10.47
N MET B 225 6.22 -5.05 10.43
CA MET B 225 5.30 -5.58 11.43
C MET B 225 5.46 -7.10 11.57
N GLU B 226 5.60 -7.77 10.43
CA GLU B 226 5.75 -9.22 10.40
C GLU B 226 6.99 -9.68 11.16
N HIS B 227 8.03 -8.85 11.15
CA HIS B 227 9.26 -9.16 11.88
C HIS B 227 9.16 -8.73 13.34
N LEU B 228 8.31 -7.74 13.61
CA LEU B 228 8.19 -7.19 14.96
C LEU B 228 7.42 -8.11 15.91
N TYR B 229 6.36 -8.77 15.42
CA TYR B 229 5.62 -9.68 16.29
C TYR B 229 6.11 -11.13 16.14
N SER B 230 7.37 -11.30 15.78
CA SER B 230 7.98 -12.62 15.74
C SER B 230 8.62 -12.94 17.09
N MET B 231 8.87 -11.90 17.88
CA MET B 231 9.57 -12.05 19.16
C MET B 231 8.58 -12.26 20.30
N ASN B 235 10.86 -10.44 22.80
CA ASN B 235 11.72 -11.34 23.58
C ASN B 235 13.20 -10.99 23.48
N VAL B 236 13.52 -10.02 22.61
CA VAL B 236 14.89 -9.54 22.46
C VAL B 236 15.12 -8.33 23.36
N VAL B 237 14.03 -7.61 23.59
CA VAL B 237 13.94 -6.51 24.53
C VAL B 237 12.44 -6.41 24.81
N PRO B 238 12.00 -6.36 26.09
CA PRO B 238 10.53 -6.35 26.16
C PRO B 238 9.88 -5.00 25.89
N LEU B 239 8.70 -5.09 25.29
CA LEU B 239 7.99 -3.99 24.67
C LEU B 239 7.04 -3.30 25.64
N SER B 240 7.07 -1.97 25.64
CA SER B 240 6.11 -1.19 26.41
C SER B 240 4.69 -1.64 26.09
N ASP B 241 3.83 -1.60 27.10
CA ASP B 241 2.49 -2.19 26.99
C ASP B 241 1.67 -1.59 25.85
N LEU B 242 1.93 -0.33 25.51
CA LEU B 242 1.24 0.29 24.39
C LEU B 242 1.77 -0.26 23.07
N LEU B 243 3.09 -0.41 22.98
CA LEU B 243 3.72 -0.90 21.76
C LEU B 243 3.40 -2.37 21.55
N LEU B 244 3.06 -3.06 22.63
CA LEU B 244 2.60 -4.45 22.52
C LEU B 244 1.19 -4.52 21.96
N GLU B 245 0.31 -3.63 22.45
CA GLU B 245 -1.09 -3.61 22.04
C GLU B 245 -1.24 -3.16 20.59
N MET B 246 -0.45 -2.17 20.18
CA MET B 246 -0.46 -1.72 18.80
C MET B 246 0.03 -2.85 17.89
N LEU B 247 1.01 -3.59 18.39
CA LEU B 247 1.61 -4.70 17.64
C LEU B 247 0.65 -5.88 17.52
N ASP B 248 0.05 -6.26 18.64
CA ASP B 248 -0.88 -7.38 18.67
C ASP B 248 -2.15 -7.12 17.88
N ALA B 249 -2.42 -5.84 17.60
CA ALA B 249 -3.58 -5.47 16.80
C ALA B 249 -3.46 -6.02 15.37
N HIS B 250 -2.22 -6.28 14.96
CA HIS B 250 -1.95 -6.82 13.63
C HIS B 250 -1.80 -8.34 13.64
N ARG B 251 -1.51 -8.89 14.82
CA ARG B 251 -1.25 -10.32 14.93
C ARG B 251 -2.53 -11.13 15.16
N LEU B 252 -3.26 -11.39 14.08
CA LEU B 252 -4.47 -12.21 14.11
C LEU B 252 -4.94 -12.52 12.70
N LYS C 3 14.97 -20.16 -12.63
CA LYS C 3 13.58 -20.28 -12.22
C LYS C 3 12.64 -20.37 -13.42
N ILE C 4 11.40 -20.77 -13.18
CA ILE C 4 10.43 -20.99 -14.23
C ILE C 4 9.99 -19.68 -14.89
N LEU C 5 9.88 -18.63 -14.08
CA LEU C 5 9.47 -17.33 -14.56
C LEU C 5 10.43 -16.81 -15.64
N HIS C 6 11.70 -17.20 -15.53
CA HIS C 6 12.70 -16.88 -16.54
C HIS C 6 12.29 -17.44 -17.89
N ARG C 7 11.83 -18.69 -17.89
CA ARG C 7 11.45 -19.38 -19.11
C ARG C 7 10.18 -18.79 -19.73
N LEU C 8 9.21 -18.48 -18.88
CA LEU C 8 7.89 -18.07 -19.33
C LEU C 8 7.86 -16.67 -19.92
N LEU C 9 8.90 -15.88 -19.65
CA LEU C 9 8.95 -14.50 -20.11
C LEU C 9 9.61 -14.34 -21.48
N GLN C 10 10.32 -15.37 -21.93
CA GLN C 10 11.12 -15.26 -23.14
C GLN C 10 10.38 -15.65 -24.42
N ASP C 11 9.61 -16.74 -24.36
CA ASP C 11 8.98 -17.31 -25.54
C ASP C 11 8.14 -16.31 -26.32
N HIS D 2 -10.49 -0.42 27.68
CA HIS D 2 -9.30 0.28 28.15
C HIS D 2 -8.03 -0.26 27.52
N LYS D 3 -7.95 -0.24 26.20
CA LYS D 3 -6.67 -0.34 25.54
C LYS D 3 -5.93 0.92 25.94
N ILE D 4 -4.61 0.86 26.04
CA ILE D 4 -3.83 2.05 26.38
C ILE D 4 -4.10 3.14 25.35
N LEU D 5 -4.20 2.73 24.09
CA LEU D 5 -4.53 3.63 23.00
C LEU D 5 -5.87 4.31 23.23
N HIS D 6 -6.83 3.54 23.72
CA HIS D 6 -8.17 4.05 23.97
C HIS D 6 -8.19 5.12 25.05
N ARG D 7 -7.44 4.88 26.12
CA ARG D 7 -7.38 5.82 27.24
C ARG D 7 -6.66 7.10 26.84
N LEU D 8 -5.57 6.96 26.11
CA LEU D 8 -4.79 8.12 25.66
C LEU D 8 -5.59 8.99 24.71
N LEU D 9 -6.40 8.36 23.87
CA LEU D 9 -7.29 9.08 22.97
C LEU D 9 -8.46 9.71 23.73
N GLN D 10 -8.74 9.17 24.91
CA GLN D 10 -9.90 9.59 25.68
C GLN D 10 -9.62 10.82 26.54
N ASP D 11 -8.35 11.06 26.83
CA ASP D 11 -7.94 12.19 27.67
C ASP D 11 -8.36 13.53 27.08
#